data_4DEC
#
_entry.id   4DEC
#
_cell.length_a   100.316
_cell.length_b   100.316
_cell.length_c   127.026
_cell.angle_alpha   90.000
_cell.angle_beta   90.000
_cell.angle_gamma   90.000
#
_symmetry.space_group_name_H-M   'I 41'
#
loop_
_entity.id
_entity.type
_entity.pdbx_description
1 polymer 'GLUCOSYL-3-PHOSPHOGLYCERATE SYNTHASE (GpgS)'
2 non-polymer "URIDINE-5'-DIPHOSPHATE"
3 non-polymer 'MANGANESE (II) ION'
4 non-polymer '3-PHOSPHOGLYCERIC ACID'
5 non-polymer 'PHOSPHATE ION'
6 non-polymer GLYCEROL
7 water water
#
_entity_poly.entity_id   1
_entity_poly.type   'polypeptide(L)'
_entity_poly.pdbx_seq_one_letter_code
;MGSSHHHHHHSSGLVPRGSHMTASELVAGDLAGGRAPGALPLDTTWHRPGWTIGELEAAKAGRTISVVLPALNEEATIES
VIDSISPLVDGLVDELIVLDSGSTDDTEIRAIASGARVVSREQALPEVPVRPGKGEALWRSLAATSGDIVVFIDSDLINP
HPLFVPWLVGPLLTGEGIQLVKSFYRRPLQVSDVTSGVCATGGGRVTELVARPLLAALRPELGCVLQPLSGEYAASRELL
TSLPFAPGYGVEIGLLIDTFDRLGLDAIAQVNLGVRAHRNRPLDELGAMSRQVIATLLSRCGIPDSGVGLTQFLPGGPDD
SDYTRHTWPVSLVDRPPMKVMRPR
;
_entity_poly.pdbx_strand_id   A
#
# COMPACT_ATOMS: atom_id res chain seq x y z
N ALA A 39 15.28 -13.42 15.38
CA ALA A 39 16.62 -13.59 14.81
C ALA A 39 16.84 -12.65 13.63
N LEU A 40 15.77 -12.18 12.99
CA LEU A 40 15.86 -11.03 12.08
C LEU A 40 15.87 -9.77 12.95
N PRO A 41 16.70 -8.77 12.58
CA PRO A 41 16.80 -7.50 13.33
C PRO A 41 15.50 -6.68 13.23
N LEU A 42 14.58 -7.15 12.40
CA LEU A 42 13.27 -6.55 12.21
C LEU A 42 12.24 -7.47 12.88
N ASP A 43 11.38 -6.95 13.74
CA ASP A 43 10.30 -7.77 14.35
C ASP A 43 9.48 -8.52 13.26
N THR A 44 9.68 -9.83 13.18
CA THR A 44 9.06 -10.66 12.17
C THR A 44 8.19 -11.80 12.78
N THR A 45 6.90 -11.82 12.44
CA THR A 45 5.98 -12.90 12.85
C THR A 45 5.90 -13.96 11.77
N TRP A 46 6.55 -15.10 11.99
CA TRP A 46 6.66 -16.14 10.97
C TRP A 46 5.44 -17.03 10.82
N HIS A 47 4.69 -17.17 11.92
CA HIS A 47 3.51 -18.03 11.86
C HIS A 47 2.25 -17.25 12.19
N ARG A 48 1.12 -17.93 12.09
CA ARG A 48 -0.18 -17.34 12.38
C ARG A 48 -0.17 -16.67 13.77
N PRO A 49 -0.45 -15.36 13.82
CA PRO A 49 -0.58 -14.61 15.07
C PRO A 49 -1.64 -15.20 16.02
N GLY A 50 -1.46 -15.04 17.32
CA GLY A 50 -2.29 -15.74 18.29
C GLY A 50 -3.36 -14.89 18.92
N TRP A 51 -3.29 -13.58 18.70
CA TRP A 51 -4.26 -12.64 19.27
C TRP A 51 -5.70 -12.92 18.79
N THR A 52 -6.67 -12.87 19.71
CA THR A 52 -8.07 -13.03 19.31
C THR A 52 -8.62 -11.65 18.98
N ILE A 53 -9.72 -11.61 18.22
CA ILE A 53 -10.33 -10.35 17.87
C ILE A 53 -10.68 -9.53 19.13
N GLY A 54 -11.12 -10.23 20.18
CA GLY A 54 -11.46 -9.56 21.43
C GLY A 54 -10.26 -9.02 22.17
N GLU A 55 -9.15 -9.75 22.11
CA GLU A 55 -7.88 -9.24 22.63
C GLU A 55 -7.45 -7.94 21.89
N LEU A 56 -7.47 -7.98 20.56
CA LEU A 56 -7.04 -6.84 19.73
C LEU A 56 -7.89 -5.62 20.08
N GLU A 57 -9.21 -5.81 20.21
CA GLU A 57 -10.10 -4.70 20.59
C GLU A 57 -9.81 -4.06 21.94
N ALA A 58 -9.56 -4.91 22.94
CA ALA A 58 -9.20 -4.43 24.28
C ALA A 58 -7.94 -3.55 24.21
N ALA A 59 -6.97 -4.00 23.41
CA ALA A 59 -5.70 -3.34 23.23
C ALA A 59 -5.81 -1.99 22.53
N LYS A 60 -6.96 -1.72 21.90
CA LYS A 60 -7.13 -0.46 21.19
C LYS A 60 -6.96 0.73 22.14
N ALA A 61 -7.58 0.66 23.32
CA ALA A 61 -7.43 1.69 24.34
C ALA A 61 -7.74 3.08 23.82
N GLY A 62 -8.88 3.23 23.15
CA GLY A 62 -9.29 4.52 22.63
C GLY A 62 -8.79 4.87 21.23
N ARG A 63 -7.73 4.21 20.77
CA ARG A 63 -7.28 4.41 19.39
C ARG A 63 -8.33 3.91 18.39
N THR A 64 -8.52 4.60 17.26
CA THR A 64 -9.40 4.07 16.19
C THR A 64 -8.65 3.51 14.98
N ILE A 65 -9.35 2.73 14.17
CA ILE A 65 -8.76 2.05 13.02
C ILE A 65 -9.59 2.31 11.76
N SER A 66 -8.95 2.87 10.73
CA SER A 66 -9.56 2.97 9.40
C SER A 66 -8.97 1.99 8.39
N VAL A 67 -9.80 1.48 7.48
CA VAL A 67 -9.31 0.64 6.41
C VAL A 67 -9.60 1.32 5.07
N VAL A 68 -8.60 1.38 4.19
CA VAL A 68 -8.77 1.98 2.88
C VAL A 68 -8.49 0.96 1.79
N LEU A 69 -9.39 0.81 0.81
CA LEU A 69 -9.11 -0.04 -0.35
C LEU A 69 -9.03 0.89 -1.57
N PRO A 70 -7.81 1.12 -2.10
CA PRO A 70 -7.71 1.92 -3.32
C PRO A 70 -8.21 1.06 -4.49
N ALA A 71 -8.86 1.68 -5.46
CA ALA A 71 -9.40 0.86 -6.54
C ALA A 71 -9.43 1.59 -7.87
N LEU A 72 -8.85 0.97 -8.89
CA LEU A 72 -8.97 1.47 -10.25
C LEU A 72 -9.41 0.31 -11.12
N ASN A 73 -10.67 0.34 -11.54
CA ASN A 73 -11.20 -0.72 -12.42
C ASN A 73 -11.05 -2.19 -11.85
N GLU A 74 -11.52 -2.41 -10.64
CA GLU A 74 -11.47 -3.75 -10.02
C GLU A 74 -12.86 -4.36 -9.82
N GLU A 75 -13.73 -4.23 -10.83
CA GLU A 75 -15.13 -4.71 -10.65
C GLU A 75 -15.21 -6.21 -10.32
N ALA A 76 -14.24 -7.00 -10.81
CA ALA A 76 -14.29 -8.45 -10.59
C ALA A 76 -13.96 -8.91 -9.17
N THR A 77 -13.19 -8.11 -8.41
CA THR A 77 -12.65 -8.58 -7.13
C THR A 77 -13.05 -7.71 -5.96
N ILE A 78 -13.49 -6.50 -6.25
CA ILE A 78 -13.75 -5.56 -5.16
C ILE A 78 -14.77 -6.04 -4.09
N GLU A 79 -15.85 -6.70 -4.51
CA GLU A 79 -16.87 -7.19 -3.56
CA GLU A 79 -16.86 -7.13 -3.53
C GLU A 79 -16.32 -8.21 -2.59
N SER A 80 -15.59 -9.20 -3.13
CA SER A 80 -14.89 -10.19 -2.32
CA SER A 80 -14.92 -10.19 -2.30
C SER A 80 -13.96 -9.56 -1.28
N VAL A 81 -13.23 -8.52 -1.67
CA VAL A 81 -12.34 -7.86 -0.69
C VAL A 81 -13.13 -7.14 0.41
N ILE A 82 -14.11 -6.36 0.00
CA ILE A 82 -14.92 -5.63 1.00
C ILE A 82 -15.63 -6.63 1.98
N ASP A 83 -16.22 -7.67 1.41
CA ASP A 83 -16.93 -8.66 2.24
C ASP A 83 -15.99 -9.37 3.20
N SER A 84 -14.70 -9.51 2.86
CA SER A 84 -13.76 -10.18 3.78
C SER A 84 -13.55 -9.35 5.06
N ILE A 85 -13.86 -8.04 5.03
CA ILE A 85 -13.50 -7.14 6.11
C ILE A 85 -14.72 -6.53 6.75
N SER A 86 -15.82 -6.42 6.03
CA SER A 86 -16.93 -5.66 6.64
C SER A 86 -17.51 -6.26 7.95
N PRO A 87 -17.34 -7.57 8.17
CA PRO A 87 -17.82 -8.05 9.49
C PRO A 87 -17.09 -7.45 10.67
N LEU A 88 -15.91 -6.80 10.46
CA LEU A 88 -15.15 -6.21 11.56
C LEU A 88 -15.66 -4.83 11.86
N VAL A 89 -16.45 -4.26 10.94
CA VAL A 89 -16.76 -2.83 11.11
C VAL A 89 -17.68 -2.63 12.33
N ASP A 90 -17.47 -1.54 13.07
CA ASP A 90 -18.17 -1.24 14.34
C ASP A 90 -17.65 -2.12 15.47
N GLY A 91 -16.64 -2.93 15.17
CA GLY A 91 -15.95 -3.70 16.19
C GLY A 91 -14.49 -3.29 16.20
N LEU A 92 -13.63 -4.17 15.68
CA LEU A 92 -12.19 -3.88 15.60
C LEU A 92 -11.93 -2.68 14.66
N VAL A 93 -12.62 -2.66 13.52
CA VAL A 93 -12.52 -1.61 12.52
C VAL A 93 -13.60 -0.54 12.71
N ASP A 94 -13.20 0.72 12.82
CA ASP A 94 -14.16 1.81 13.07
C ASP A 94 -14.70 2.41 11.79
N GLU A 95 -13.98 2.22 10.70
CA GLU A 95 -14.29 2.92 9.44
C GLU A 95 -13.67 2.14 8.25
N LEU A 96 -14.42 2.00 7.18
CA LEU A 96 -13.92 1.36 5.96
C LEU A 96 -14.28 2.21 4.73
N ILE A 97 -13.30 2.57 3.87
CA ILE A 97 -13.66 3.22 2.60
C ILE A 97 -13.01 2.57 1.37
N VAL A 98 -13.66 2.74 0.22
CA VAL A 98 -13.07 2.43 -1.07
C VAL A 98 -12.66 3.82 -1.61
N LEU A 99 -11.38 4.00 -1.92
CA LEU A 99 -10.88 5.24 -2.59
C LEU A 99 -10.90 4.96 -4.07
N ASP A 100 -11.92 5.45 -4.76
CA ASP A 100 -12.09 5.09 -6.17
C ASP A 100 -11.14 6.01 -6.99
N SER A 101 -10.27 5.42 -7.80
CA SER A 101 -9.14 6.13 -8.39
CA SER A 101 -9.17 6.19 -8.40
C SER A 101 -9.39 6.43 -9.88
N GLY A 102 -10.63 6.73 -10.26
CA GLY A 102 -11.01 6.96 -11.65
C GLY A 102 -11.61 5.78 -12.45
N SER A 103 -12.29 4.84 -11.78
CA SER A 103 -12.76 3.63 -12.47
C SER A 103 -13.81 3.98 -13.53
N THR A 104 -13.79 3.25 -14.64
CA THR A 104 -14.83 3.41 -15.63
C THR A 104 -15.62 2.12 -15.80
N ASP A 105 -15.36 1.10 -14.98
CA ASP A 105 -16.16 -0.14 -15.02
C ASP A 105 -17.25 -0.03 -13.94
N ASP A 106 -17.72 -1.18 -13.42
CA ASP A 106 -18.77 -1.21 -12.39
C ASP A 106 -18.22 -1.21 -10.95
N THR A 107 -16.98 -0.75 -10.75
CA THR A 107 -16.36 -0.83 -9.42
C THR A 107 -17.19 -0.14 -8.36
N GLU A 108 -17.62 1.06 -8.68
CA GLU A 108 -18.25 1.88 -7.67
C GLU A 108 -19.65 1.34 -7.27
N ILE A 109 -20.44 0.97 -8.29
CA ILE A 109 -21.79 0.45 -8.01
C ILE A 109 -21.73 -0.89 -7.23
N ARG A 110 -20.76 -1.75 -7.56
CA ARG A 110 -20.61 -3.01 -6.82
C ARG A 110 -20.09 -2.78 -5.41
N ALA A 111 -19.21 -1.79 -5.23
CA ALA A 111 -18.72 -1.51 -3.87
C ALA A 111 -19.88 -0.96 -3.02
N ILE A 112 -20.67 -0.07 -3.60
CA ILE A 112 -21.84 0.47 -2.87
C ILE A 112 -22.85 -0.66 -2.45
N ALA A 113 -23.01 -1.64 -3.34
CA ALA A 113 -23.97 -2.75 -3.13
C ALA A 113 -23.41 -3.69 -2.08
N SER A 114 -22.11 -3.55 -1.77
CA SER A 114 -21.52 -4.31 -0.67
C SER A 114 -21.46 -3.52 0.61
N GLY A 115 -22.13 -2.38 0.60
CA GLY A 115 -22.24 -1.55 1.81
C GLY A 115 -21.04 -0.64 2.12
N ALA A 116 -20.09 -0.49 1.21
CA ALA A 116 -18.92 0.34 1.47
C ALA A 116 -19.19 1.82 1.18
N ARG A 117 -18.62 2.70 1.99
CA ARG A 117 -18.57 4.13 1.61
C ARG A 117 -17.53 4.32 0.50
N VAL A 118 -17.94 4.84 -0.64
CA VAL A 118 -17.02 5.06 -1.75
C VAL A 118 -16.67 6.53 -1.88
N VAL A 119 -15.37 6.85 -1.92
CA VAL A 119 -14.93 8.26 -1.99
C VAL A 119 -14.06 8.43 -3.23
N SER A 120 -14.43 9.32 -4.15
CA SER A 120 -13.58 9.62 -5.32
C SER A 120 -12.30 10.44 -4.95
N ARG A 121 -11.32 10.50 -5.85
CA ARG A 121 -10.12 11.33 -5.58
C ARG A 121 -10.56 12.80 -5.39
N GLU A 122 -11.53 13.24 -6.19
CA GLU A 122 -12.03 14.63 -6.10
C GLU A 122 -12.71 14.94 -4.77
N GLN A 123 -13.51 14.01 -4.25
CA GLN A 123 -14.22 14.26 -2.99
C GLN A 123 -13.29 14.24 -1.78
N ALA A 124 -12.29 13.38 -1.82
CA ALA A 124 -11.31 13.31 -0.74
C ALA A 124 -10.61 14.68 -0.46
N LEU A 125 -10.38 15.47 -1.49
CA LEU A 125 -9.61 16.73 -1.32
C LEU A 125 -9.94 17.64 -2.51
N PRO A 126 -11.11 18.30 -2.48
CA PRO A 126 -11.65 18.84 -3.75
C PRO A 126 -10.97 20.12 -4.24
N GLU A 127 -10.25 20.80 -3.36
CA GLU A 127 -9.55 22.03 -3.82
C GLU A 127 -8.30 21.78 -4.69
N VAL A 128 -7.86 20.53 -4.75
CA VAL A 128 -6.60 20.22 -5.40
C VAL A 128 -6.81 19.28 -6.59
N PRO A 129 -6.47 19.72 -7.80
CA PRO A 129 -6.64 18.89 -8.99
C PRO A 129 -5.97 17.52 -8.89
N VAL A 130 -6.60 16.54 -9.54
CA VAL A 130 -6.19 15.15 -9.33
C VAL A 130 -5.03 14.80 -10.23
N ARG A 131 -3.99 14.14 -9.71
CA ARG A 131 -2.96 13.53 -10.57
C ARG A 131 -3.17 11.99 -10.70
N PRO A 132 -2.67 11.40 -11.78
CA PRO A 132 -2.77 9.93 -11.89
C PRO A 132 -1.84 9.13 -10.96
N GLY A 133 -2.26 7.88 -10.67
CA GLY A 133 -1.41 6.86 -10.09
C GLY A 133 -1.80 6.45 -8.68
N LYS A 134 -1.27 5.32 -8.21
CA LYS A 134 -1.68 4.80 -6.92
C LYS A 134 -1.31 5.73 -5.73
N GLY A 135 -0.11 6.31 -5.75
CA GLY A 135 0.35 7.09 -4.62
C GLY A 135 -0.58 8.27 -4.37
N GLU A 136 -1.11 8.86 -5.44
CA GLU A 136 -2.04 10.00 -5.30
C GLU A 136 -3.31 9.53 -4.53
N ALA A 137 -3.77 8.35 -4.90
CA ALA A 137 -5.00 7.77 -4.31
C ALA A 137 -4.81 7.53 -2.81
N LEU A 138 -3.69 6.94 -2.45
CA LEU A 138 -3.42 6.70 -1.03
C LEU A 138 -3.24 7.98 -0.19
N TRP A 139 -2.57 8.98 -0.76
CA TRP A 139 -2.31 10.23 -0.05
C TRP A 139 -3.67 10.93 0.19
N ARG A 140 -4.50 11.05 -0.84
CA ARG A 140 -5.83 11.60 -0.71
C ARG A 140 -6.69 10.86 0.35
N SER A 141 -6.56 9.53 0.43
CA SER A 141 -7.30 8.76 1.43
C SER A 141 -7.05 9.18 2.88
N LEU A 142 -5.87 9.78 3.17
CA LEU A 142 -5.62 10.33 4.51
C LEU A 142 -6.56 11.48 4.86
N ALA A 143 -6.97 12.28 3.87
CA ALA A 143 -7.90 13.37 4.16
C ALA A 143 -9.36 12.89 4.30
N ALA A 144 -9.64 11.66 3.91
CA ALA A 144 -11.01 11.17 3.89
C ALA A 144 -11.27 10.15 5.00
N THR A 145 -10.27 9.96 5.86
CA THR A 145 -10.36 9.02 6.99
C THR A 145 -9.94 9.76 8.27
N SER A 146 -10.18 9.18 9.43
CA SER A 146 -9.77 9.83 10.69
C SER A 146 -9.22 8.85 11.72
N GLY A 147 -9.03 7.59 11.33
CA GLY A 147 -8.43 6.63 12.26
C GLY A 147 -7.01 6.97 12.74
N ASP A 148 -6.71 6.65 14.01
CA ASP A 148 -5.33 6.75 14.51
C ASP A 148 -4.40 5.77 13.81
N ILE A 149 -4.98 4.67 13.34
CA ILE A 149 -4.25 3.66 12.58
C ILE A 149 -4.94 3.54 11.21
N VAL A 150 -4.15 3.41 10.15
CA VAL A 150 -4.69 3.28 8.80
C VAL A 150 -4.17 1.99 8.22
N VAL A 151 -5.08 1.18 7.66
CA VAL A 151 -4.69 -0.07 7.02
C VAL A 151 -5.01 0.01 5.55
N PHE A 152 -4.06 -0.35 4.73
CA PHE A 152 -4.27 -0.40 3.28
C PHE A 152 -4.36 -1.86 2.84
N ILE A 153 -5.37 -2.16 2.01
CA ILE A 153 -5.51 -3.47 1.38
C ILE A 153 -5.85 -3.29 -0.11
N ASP A 154 -5.12 -3.92 -1.02
CA ASP A 154 -5.41 -3.75 -2.43
C ASP A 154 -6.77 -4.39 -2.80
N SER A 155 -7.44 -3.81 -3.78
CA SER A 155 -8.80 -4.24 -4.19
C SER A 155 -8.77 -5.29 -5.30
N ASP A 156 -7.57 -5.68 -5.74
CA ASP A 156 -7.46 -6.72 -6.75
C ASP A 156 -7.13 -8.12 -6.18
N LEU A 157 -7.22 -8.28 -4.87
CA LEU A 157 -6.92 -9.59 -4.25
C LEU A 157 -8.02 -10.56 -4.55
N ILE A 158 -7.66 -11.80 -4.87
CA ILE A 158 -8.70 -12.83 -5.03
C ILE A 158 -8.94 -13.61 -3.73
N ASN A 159 -10.16 -13.47 -3.23
CA ASN A 159 -10.61 -14.01 -1.94
CA ASN A 159 -10.59 -14.02 -1.94
C ASN A 159 -9.55 -13.92 -0.84
N PRO A 160 -9.36 -12.71 -0.31
CA PRO A 160 -8.36 -12.56 0.74
C PRO A 160 -8.88 -13.10 2.07
N HIS A 161 -8.01 -13.59 2.95
CA HIS A 161 -8.41 -14.10 4.24
C HIS A 161 -9.02 -12.98 5.08
N PRO A 162 -10.09 -13.28 5.85
CA PRO A 162 -10.74 -12.27 6.70
C PRO A 162 -9.89 -11.86 7.90
N LEU A 163 -8.80 -12.56 8.15
CA LEU A 163 -7.94 -12.11 9.24
C LEU A 163 -6.79 -11.18 8.75
N PHE A 164 -6.71 -10.87 7.46
CA PHE A 164 -5.67 -9.88 7.01
C PHE A 164 -5.56 -8.66 7.91
N VAL A 165 -6.68 -8.01 8.13
CA VAL A 165 -6.65 -6.79 8.94
C VAL A 165 -6.26 -7.00 10.39
N PRO A 166 -6.86 -8.01 11.09
CA PRO A 166 -6.34 -8.30 12.43
C PRO A 166 -4.86 -8.67 12.45
N TRP A 167 -4.42 -9.46 11.48
CA TRP A 167 -2.99 -9.78 11.46
C TRP A 167 -2.06 -8.55 11.26
N LEU A 168 -2.48 -7.60 10.43
CA LEU A 168 -1.66 -6.38 10.23
C LEU A 168 -1.63 -5.43 11.41
N VAL A 169 -2.73 -5.33 12.18
CA VAL A 169 -2.76 -4.33 13.26
C VAL A 169 -2.15 -4.84 14.58
N GLY A 170 -1.93 -6.16 14.67
CA GLY A 170 -1.43 -6.77 15.88
C GLY A 170 -0.22 -6.06 16.48
N PRO A 171 0.87 -5.93 15.69
CA PRO A 171 2.07 -5.30 16.25
C PRO A 171 1.88 -3.83 16.60
N LEU A 172 0.99 -3.12 15.93
CA LEU A 172 0.80 -1.70 16.28
C LEU A 172 0.06 -1.59 17.60
N LEU A 173 -0.76 -2.60 17.89
CA LEU A 173 -1.70 -2.54 19.01
C LEU A 173 -1.06 -3.04 20.29
N THR A 174 -0.25 -4.09 20.16
CA THR A 174 0.27 -4.85 21.29
C THR A 174 1.78 -4.69 21.43
N GLY A 175 2.39 -3.96 20.51
CA GLY A 175 3.83 -3.80 20.57
C GLY A 175 4.19 -2.53 21.33
N GLU A 176 5.46 -2.18 21.31
CA GLU A 176 5.83 -0.82 21.67
C GLU A 176 6.72 -0.27 20.57
N GLY A 177 6.41 0.94 20.15
CA GLY A 177 7.22 1.62 19.15
C GLY A 177 7.06 1.19 17.69
N ILE A 178 6.23 0.18 17.40
CA ILE A 178 5.97 -0.18 15.98
C ILE A 178 5.10 0.91 15.36
N GLN A 179 5.51 1.43 14.21
CA GLN A 179 4.69 2.42 13.53
C GLN A 179 4.25 2.00 12.10
N LEU A 180 4.86 0.96 11.55
CA LEU A 180 4.58 0.51 10.20
C LEU A 180 4.63 -1.01 10.21
N VAL A 181 3.62 -1.67 9.63
CA VAL A 181 3.66 -3.12 9.53
C VAL A 181 3.48 -3.56 8.10
N LYS A 182 4.46 -4.29 7.57
CA LYS A 182 4.39 -4.80 6.21
C LYS A 182 3.96 -6.25 6.25
N SER A 183 3.29 -6.71 5.22
CA SER A 183 2.93 -8.11 5.13
C SER A 183 3.99 -8.83 4.32
N PHE A 184 4.06 -10.16 4.47
CA PHE A 184 4.67 -11.03 3.48
C PHE A 184 3.81 -12.30 3.35
N TYR A 185 4.11 -13.15 2.38
CA TYR A 185 3.20 -14.25 1.96
C TYR A 185 3.86 -15.16 0.92
N ARG A 186 3.26 -16.32 0.69
CA ARG A 186 3.62 -17.22 -0.42
C ARG A 186 2.86 -16.80 -1.68
N GLY A 203 5.97 -14.37 -9.84
CA GLY A 203 6.35 -14.66 -8.46
C GLY A 203 6.90 -13.45 -7.70
N GLY A 204 6.33 -12.28 -8.00
CA GLY A 204 6.86 -11.03 -7.47
C GLY A 204 8.15 -10.74 -8.24
N ARG A 205 8.04 -10.62 -9.57
CA ARG A 205 9.15 -10.30 -10.46
C ARG A 205 9.83 -8.94 -10.16
N VAL A 206 9.03 -7.88 -9.96
CA VAL A 206 9.59 -6.55 -9.69
C VAL A 206 10.23 -6.64 -8.31
N THR A 207 9.55 -7.32 -7.39
CA THR A 207 10.02 -7.44 -6.01
C THR A 207 11.38 -8.15 -6.00
N GLU A 208 11.48 -9.30 -6.67
CA GLU A 208 12.70 -10.11 -6.51
C GLU A 208 13.86 -9.69 -7.42
N LEU A 209 13.55 -9.05 -8.56
CA LEU A 209 14.57 -8.64 -9.50
C LEU A 209 14.97 -7.19 -9.33
N VAL A 210 14.04 -6.37 -8.87
CA VAL A 210 14.33 -4.91 -8.80
C VAL A 210 14.47 -4.38 -7.37
N ALA A 211 13.41 -4.47 -6.59
CA ALA A 211 13.40 -3.78 -5.29
C ALA A 211 14.32 -4.45 -4.23
N ARG A 212 14.26 -5.79 -4.05
CA ARG A 212 15.14 -6.42 -3.06
C ARG A 212 16.63 -6.29 -3.41
N PRO A 213 17.02 -6.54 -4.68
CA PRO A 213 18.43 -6.33 -5.02
C PRO A 213 18.85 -4.85 -4.94
N LEU A 214 18.01 -3.88 -5.30
CA LEU A 214 18.40 -2.45 -5.08
C LEU A 214 18.52 -2.08 -3.60
N LEU A 215 17.64 -2.62 -2.76
CA LEU A 215 17.78 -2.40 -1.33
C LEU A 215 19.11 -3.01 -0.83
N ALA A 216 19.50 -4.18 -1.32
CA ALA A 216 20.75 -4.81 -0.88
C ALA A 216 21.96 -3.92 -1.27
N ALA A 217 21.87 -3.32 -2.45
CA ALA A 217 22.87 -2.41 -2.95
C ALA A 217 22.95 -1.09 -2.18
N LEU A 218 21.80 -0.54 -1.81
CA LEU A 218 21.78 0.90 -1.40
C LEU A 218 21.25 1.16 0.00
N ARG A 219 20.49 0.21 0.57
CA ARG A 219 20.03 0.29 1.96
C ARG A 219 20.03 -1.10 2.53
N PRO A 220 21.21 -1.72 2.62
CA PRO A 220 21.25 -3.15 2.97
C PRO A 220 20.61 -3.52 4.31
N GLU A 221 20.42 -2.52 5.20
CA GLU A 221 19.76 -2.78 6.46
C GLU A 221 18.32 -3.26 6.22
N LEU A 222 17.74 -2.93 5.07
CA LEU A 222 16.35 -3.36 4.77
C LEU A 222 16.32 -4.67 3.96
N GLY A 223 17.48 -5.31 3.89
CA GLY A 223 17.60 -6.59 3.21
C GLY A 223 16.71 -7.66 3.85
N CYS A 224 16.31 -7.47 5.11
CA CYS A 224 15.51 -8.49 5.82
C CYS A 224 14.01 -8.34 5.50
N VAL A 225 13.63 -7.32 4.74
CA VAL A 225 12.20 -7.13 4.38
C VAL A 225 11.82 -8.05 3.24
N LEU A 226 10.87 -8.98 3.48
CA LEU A 226 10.63 -9.99 2.46
C LEU A 226 9.77 -9.49 1.29
N GLN A 227 8.85 -8.58 1.56
CA GLN A 227 7.94 -8.06 0.54
C GLN A 227 7.87 -6.52 0.63
N PRO A 228 8.96 -5.84 0.28
CA PRO A 228 8.93 -4.38 0.39
C PRO A 228 7.85 -3.65 -0.40
N LEU A 229 7.42 -4.21 -1.52
CA LEU A 229 6.40 -3.58 -2.35
C LEU A 229 4.96 -4.02 -1.99
N SER A 230 4.74 -4.81 -0.92
CA SER A 230 3.40 -5.31 -0.60
CA SER A 230 3.38 -5.29 -0.66
C SER A 230 2.34 -4.20 -0.45
N GLY A 231 1.23 -4.35 -1.17
CA GLY A 231 0.11 -3.44 -1.02
C GLY A 231 -0.71 -3.61 0.25
N GLU A 232 -0.44 -4.64 1.06
CA GLU A 232 -1.19 -4.81 2.30
C GLU A 232 -0.31 -4.38 3.47
N TYR A 233 -0.67 -3.28 4.17
CA TYR A 233 0.11 -2.84 5.30
C TYR A 233 -0.67 -1.88 6.17
N ALA A 234 -0.19 -1.62 7.38
CA ALA A 234 -0.86 -0.71 8.31
C ALA A 234 0.19 0.19 8.93
N ALA A 235 -0.22 1.39 9.36
CA ALA A 235 0.69 2.36 9.96
C ALA A 235 -0.09 3.35 10.80
N SER A 236 0.59 4.04 11.72
CA SER A 236 -0.05 5.09 12.50
C SER A 236 -0.33 6.29 11.59
N ARG A 237 -1.45 6.98 11.85
CA ARG A 237 -1.74 8.23 11.16
C ARG A 237 -0.61 9.22 11.40
N GLU A 238 -0.05 9.21 12.61
CA GLU A 238 1.02 10.15 12.95
C GLU A 238 2.21 9.97 12.03
N LEU A 239 2.61 8.71 11.78
CA LEU A 239 3.66 8.46 10.80
C LEU A 239 3.22 8.88 9.37
N LEU A 240 2.07 8.40 8.90
CA LEU A 240 1.69 8.66 7.48
C LEU A 240 1.49 10.15 7.13
N THR A 241 0.89 10.92 8.04
CA THR A 241 0.72 12.32 7.70
C THR A 241 2.01 13.16 7.85
N SER A 242 3.10 12.53 8.32
CA SER A 242 4.39 13.21 8.44
CA SER A 242 4.41 13.18 8.46
C SER A 242 5.36 12.88 7.30
N LEU A 243 4.95 11.97 6.40
CA LEU A 243 5.79 11.57 5.26
C LEU A 243 5.25 12.04 3.91
N PRO A 244 6.16 12.36 2.99
CA PRO A 244 5.71 12.62 1.63
C PRO A 244 5.20 11.31 1.01
N PHE A 245 4.44 11.39 -0.09
CA PHE A 245 3.96 10.18 -0.75
C PHE A 245 4.46 10.24 -2.18
N ALA A 246 5.24 9.24 -2.59
CA ALA A 246 5.76 9.11 -3.94
C ALA A 246 4.63 8.86 -4.95
N PRO A 247 4.84 9.27 -6.22
CA PRO A 247 3.71 9.12 -7.18
C PRO A 247 3.58 7.69 -7.76
N GLY A 248 2.42 7.33 -8.31
CA GLY A 248 2.33 6.12 -9.13
C GLY A 248 2.60 4.88 -8.29
N TYR A 249 3.28 3.87 -8.87
CA TYR A 249 3.73 2.69 -8.12
C TYR A 249 4.95 2.88 -7.19
N GLY A 250 5.41 4.13 -6.98
CA GLY A 250 6.58 4.32 -6.10
C GLY A 250 6.16 4.41 -4.65
N VAL A 251 4.85 4.48 -4.40
CA VAL A 251 4.40 4.88 -3.05
C VAL A 251 4.85 3.91 -1.95
N GLU A 252 4.77 2.58 -2.17
CA GLU A 252 5.18 1.65 -1.09
C GLU A 252 6.70 1.73 -0.74
N ILE A 253 7.54 1.70 -1.77
CA ILE A 253 8.99 1.70 -1.51
C ILE A 253 9.43 3.01 -0.83
N GLY A 254 8.80 4.12 -1.21
CA GLY A 254 9.08 5.42 -0.61
C GLY A 254 8.73 5.46 0.85
N LEU A 255 7.58 4.92 1.20
CA LEU A 255 7.15 4.91 2.59
C LEU A 255 8.05 4.07 3.46
N LEU A 256 8.46 2.92 2.93
CA LEU A 256 9.36 2.04 3.68
C LEU A 256 10.74 2.66 3.91
N ILE A 257 11.35 3.19 2.84
CA ILE A 257 12.68 3.83 3.01
C ILE A 257 12.59 5.06 3.91
N ASP A 258 11.56 5.88 3.75
CA ASP A 258 11.41 7.06 4.61
C ASP A 258 11.22 6.70 6.09
N THR A 259 10.38 5.69 6.38
CA THR A 259 10.17 5.25 7.75
C THR A 259 11.49 4.80 8.35
N PHE A 260 12.20 3.94 7.62
CA PHE A 260 13.48 3.44 8.07
C PHE A 260 14.51 4.58 8.27
N ASP A 261 14.64 5.48 7.29
CA ASP A 261 15.63 6.56 7.38
C ASP A 261 15.31 7.43 8.59
N ARG A 262 14.03 7.62 8.88
CA ARG A 262 13.61 8.51 9.99
C ARG A 262 13.56 7.85 11.39
N LEU A 263 13.16 6.56 11.48
CA LEU A 263 12.96 5.88 12.78
C LEU A 263 13.79 4.63 12.98
N GLY A 264 14.47 4.15 11.94
CA GLY A 264 15.20 2.91 12.01
C GLY A 264 14.34 1.66 12.08
N LEU A 265 14.98 0.50 12.11
CA LEU A 265 14.28 -0.77 12.04
C LEU A 265 13.29 -1.06 13.16
N ASP A 266 13.53 -0.49 14.33
CA ASP A 266 12.74 -0.84 15.51
C ASP A 266 11.29 -0.35 15.39
N ALA A 267 11.02 0.54 14.43
CA ALA A 267 9.65 1.03 14.23
C ALA A 267 8.87 0.21 13.18
N ILE A 268 9.52 -0.78 12.57
CA ILE A 268 8.92 -1.52 11.49
C ILE A 268 8.76 -3.01 11.88
N ALA A 269 7.60 -3.62 11.58
CA ALA A 269 7.40 -5.07 11.73
C ALA A 269 6.90 -5.64 10.38
N GLN A 270 6.95 -6.96 10.22
CA GLN A 270 6.36 -7.63 9.08
C GLN A 270 5.67 -8.90 9.60
N VAL A 271 4.50 -9.19 9.05
CA VAL A 271 3.71 -10.36 9.44
CA VAL A 271 3.65 -10.34 9.45
C VAL A 271 3.34 -11.23 8.26
N ASN A 272 3.41 -12.55 8.47
CA ASN A 272 3.07 -13.54 7.47
C ASN A 272 1.53 -13.57 7.29
N LEU A 273 1.04 -13.37 6.07
CA LEU A 273 -0.40 -13.42 5.80
C LEU A 273 -0.73 -14.74 5.14
N GLY A 274 0.27 -15.60 4.99
CA GLY A 274 0.05 -16.91 4.42
C GLY A 274 0.10 -16.90 2.92
N VAL A 275 -1.04 -16.94 2.28
CA VAL A 275 -1.05 -16.92 0.83
C VAL A 275 -1.95 -15.77 0.33
N ARG A 276 -1.54 -15.13 -0.78
CA ARG A 276 -2.36 -14.08 -1.38
C ARG A 276 -2.40 -14.29 -2.89
N ALA A 277 -3.56 -14.00 -3.50
CA ALA A 277 -3.71 -14.12 -4.95
C ALA A 277 -4.18 -12.80 -5.58
N HIS A 278 -3.71 -12.51 -6.80
CA HIS A 278 -4.17 -11.35 -7.60
C HIS A 278 -3.81 -11.48 -9.09
N ARG A 279 -4.24 -10.51 -9.90
CA ARG A 279 -3.88 -10.42 -11.33
C ARG A 279 -2.36 -10.37 -11.53
N ASN A 280 -1.86 -11.11 -12.51
CA ASN A 280 -0.47 -10.93 -12.99
C ASN A 280 -0.42 -10.01 -14.23
N ARG A 281 0.10 -8.79 -14.07
CA ARG A 281 0.18 -7.85 -15.19
C ARG A 281 1.19 -8.32 -16.24
N PRO A 282 1.01 -7.89 -17.51
CA PRO A 282 1.98 -8.23 -18.59
C PRO A 282 3.37 -7.55 -18.40
N LEU A 283 4.44 -8.12 -18.97
CA LEU A 283 5.81 -7.63 -18.71
C LEU A 283 6.02 -6.14 -19.01
N ASP A 284 5.36 -5.60 -20.04
CA ASP A 284 5.62 -4.20 -20.40
C ASP A 284 5.10 -3.24 -19.33
N GLU A 285 3.94 -3.57 -18.76
CA GLU A 285 3.40 -2.76 -17.66
C GLU A 285 4.30 -2.88 -16.45
N LEU A 286 4.90 -4.06 -16.29
CA LEU A 286 5.85 -4.25 -15.20
C LEU A 286 7.08 -3.38 -15.48
N GLY A 287 7.37 -3.11 -16.75
CA GLY A 287 8.58 -2.33 -17.09
C GLY A 287 8.41 -0.91 -16.57
N ALA A 288 7.23 -0.33 -16.81
CA ALA A 288 6.93 1.05 -16.36
C ALA A 288 6.86 1.12 -14.87
N MET A 289 6.37 0.04 -14.25
CA MET A 289 6.23 0.06 -12.82
C MET A 289 7.61 0.06 -12.17
N SER A 290 8.47 -0.81 -12.67
CA SER A 290 9.83 -0.94 -12.22
C SER A 290 10.58 0.42 -12.40
N ARG A 291 10.40 1.07 -13.53
CA ARG A 291 10.98 2.41 -13.74
C ARG A 291 10.60 3.43 -12.64
N GLN A 292 9.34 3.42 -12.19
CA GLN A 292 8.89 4.36 -11.19
C GLN A 292 9.40 3.95 -9.81
N VAL A 293 9.51 2.62 -9.57
CA VAL A 293 10.04 2.16 -8.29
C VAL A 293 11.54 2.59 -8.19
N ILE A 294 12.24 2.40 -9.29
CA ILE A 294 13.64 2.80 -9.36
C ILE A 294 13.79 4.35 -9.11
N ALA A 295 12.95 5.16 -9.77
CA ALA A 295 13.02 6.62 -9.58
C ALA A 295 12.81 7.02 -8.13
N THR A 296 11.84 6.39 -7.46
CA THR A 296 11.56 6.74 -6.08
C THR A 296 12.67 6.27 -5.14
N LEU A 297 13.18 5.08 -5.40
CA LEU A 297 14.22 4.52 -4.55
C LEU A 297 15.53 5.31 -4.71
N LEU A 298 15.90 5.64 -5.94
CA LEU A 298 17.14 6.47 -6.15
C LEU A 298 16.98 7.81 -5.46
N SER A 299 15.81 8.42 -5.58
CA SER A 299 15.61 9.74 -4.93
C SER A 299 15.73 9.65 -3.42
N ARG A 300 15.14 8.63 -2.79
CA ARG A 300 15.25 8.50 -1.34
C ARG A 300 16.69 8.24 -0.94
N CYS A 301 17.48 7.64 -1.82
CA CYS A 301 18.88 7.37 -1.45
C CYS A 301 19.81 8.49 -1.88
N GLY A 302 19.24 9.61 -2.30
CA GLY A 302 20.05 10.78 -2.66
C GLY A 302 20.77 10.76 -4.00
N ILE A 303 20.31 9.94 -4.93
CA ILE A 303 20.93 9.78 -6.24
C ILE A 303 19.99 10.41 -7.26
N PRO A 304 20.52 11.31 -8.12
CA PRO A 304 19.71 12.03 -9.11
C PRO A 304 19.27 11.10 -10.24
N ASP A 305 17.98 11.10 -10.54
CA ASP A 305 17.39 10.22 -11.56
C ASP A 305 17.20 11.16 -12.72
N SER A 306 17.41 10.67 -13.94
CA SER A 306 17.31 11.51 -15.15
C SER A 306 15.92 12.08 -15.38
N GLY A 307 14.90 11.44 -14.82
CA GLY A 307 13.54 11.83 -15.19
C GLY A 307 13.09 11.35 -16.57
N VAL A 308 13.95 10.63 -17.29
CA VAL A 308 13.53 10.13 -18.62
C VAL A 308 12.76 8.81 -18.48
N GLY A 309 11.55 8.74 -19.07
CA GLY A 309 10.71 7.57 -19.05
C GLY A 309 11.33 6.38 -19.80
N LEU A 310 10.94 5.18 -19.39
CA LEU A 310 11.40 3.97 -20.05
C LEU A 310 10.82 3.94 -21.46
N THR A 311 11.61 3.67 -22.49
CA THR A 311 10.97 3.41 -23.77
C THR A 311 11.01 1.92 -24.15
N GLN A 312 9.97 1.45 -24.81
CA GLN A 312 9.96 0.06 -25.20
C GLN A 312 9.73 -0.10 -26.67
N PHE A 313 10.36 -1.10 -27.24
CA PHE A 313 10.24 -1.41 -28.66
C PHE A 313 9.48 -2.74 -28.85
N LEU A 314 8.26 -2.64 -29.37
CA LEU A 314 7.37 -3.79 -29.49
C LEU A 314 7.45 -4.42 -30.88
N PRO A 315 7.84 -5.71 -30.96
CA PRO A 315 7.86 -6.42 -32.25
C PRO A 315 6.44 -6.67 -32.80
N GLY A 316 6.26 -6.36 -34.07
CA GLY A 316 5.06 -6.70 -34.82
C GLY A 316 5.37 -7.55 -36.03
N SER A 321 12.55 -8.47 -38.26
CA SER A 321 11.20 -8.12 -37.80
C SER A 321 10.93 -6.60 -37.72
N ASP A 322 9.67 -6.27 -37.42
CA ASP A 322 9.19 -4.88 -37.38
C ASP A 322 8.81 -4.43 -35.97
N TYR A 323 9.42 -3.33 -35.52
CA TYR A 323 9.20 -2.87 -34.14
C TYR A 323 8.52 -1.50 -34.07
N THR A 324 7.65 -1.35 -33.09
CA THR A 324 7.14 -0.03 -32.76
C THR A 324 7.62 0.44 -31.35
N ARG A 325 7.66 1.76 -31.14
CA ARG A 325 8.17 2.33 -29.89
C ARG A 325 7.08 3.03 -29.06
N HIS A 326 7.19 2.91 -27.73
CA HIS A 326 6.29 3.58 -26.79
C HIS A 326 7.07 4.06 -25.55
N THR A 327 6.81 5.29 -25.07
CA THR A 327 7.47 5.81 -23.88
C THR A 327 6.47 5.95 -22.75
N TRP A 328 6.79 5.38 -21.59
CA TRP A 328 5.92 5.47 -20.43
C TRP A 328 6.34 6.64 -19.55
N PRO A 329 5.36 7.28 -18.88
CA PRO A 329 5.62 8.41 -17.99
C PRO A 329 6.32 7.94 -16.74
N VAL A 330 7.25 8.73 -16.21
CA VAL A 330 7.79 8.51 -14.87
C VAL A 330 7.70 9.89 -14.18
N SER A 331 7.56 9.90 -12.86
CA SER A 331 7.39 11.17 -12.13
C SER A 331 8.40 11.30 -11.02
N LEU A 332 9.02 12.48 -10.91
CA LEU A 332 9.91 12.77 -9.81
C LEU A 332 9.26 13.69 -8.79
N VAL A 333 7.95 13.86 -8.85
CA VAL A 333 7.31 14.75 -7.89
C VAL A 333 6.45 14.06 -6.81
N ASP A 334 6.85 14.21 -5.55
CA ASP A 334 6.10 13.66 -4.43
C ASP A 334 4.96 14.56 -4.01
N ARG A 335 3.94 13.99 -3.37
CA ARG A 335 3.02 14.82 -2.57
C ARG A 335 3.71 15.07 -1.21
N PRO A 336 3.55 16.29 -0.64
CA PRO A 336 4.16 16.60 0.65
C PRO A 336 3.41 15.92 1.77
N PRO A 337 4.01 15.87 2.98
CA PRO A 337 3.31 15.41 4.18
C PRO A 337 1.92 16.04 4.33
N MET A 338 0.92 15.20 4.58
CA MET A 338 -0.49 15.65 4.59
C MET A 338 -0.71 16.70 5.70
N LYS A 339 0.11 16.63 6.75
CA LYS A 339 0.19 17.68 7.79
C LYS A 339 0.19 19.11 7.23
N VAL A 340 0.92 19.37 6.15
CA VAL A 340 0.94 20.73 5.61
C VAL A 340 -0.42 21.19 5.14
N MET A 341 -1.37 20.26 4.96
CA MET A 341 -2.67 20.68 4.41
C MET A 341 -3.63 21.17 5.49
N ARG A 342 -3.20 21.15 6.75
CA ARG A 342 -4.06 21.53 7.87
C ARG A 342 -4.41 23.03 7.83
#